data_3I36
#
_entry.id   3I36
#
_cell.length_a   46.468
_cell.length_b   63.113
_cell.length_c   111.655
_cell.angle_alpha   90.00
_cell.angle_beta   90.00
_cell.angle_gamma   90.00
#
_symmetry.space_group_name_H-M   'P 21 21 21'
#
loop_
_entity.id
_entity.type
_entity.pdbx_description
1 polymer 'Vascular protein tyrosine phosphatase 1'
2 non-polymer 'CHLORIDE ION'
3 water water
#
_entity_poly.entity_id   1
_entity_poly.type   'polypeptide(L)'
_entity_poly.pdbx_seq_one_letter_code
;WRKKRKDAKNNEVSFSQIKPKKSKLIRVENFEAYFKKQQADSNCGFAEEYEDLKLIGISLPKYAAEIAENRGKNRYNNVL
PYDISRVKLSVQTHSTDDYINANYMPGYHSKKDFIATQGPLPNTLKDFWRMVWEKNVYAIVMLTKCVEQGRTKCEEYWPS
KQAQDYGDITVAMTSEVVLPEWTIRDFVVKNMQSSESHPLRQFHFTSWPDHGVPDTTDLLINFRYLVRDYMKQIPPESPI
LVHCSAGVGRTGTFIAIDRLIYQIENENTVDVYGIVYDLRMHRPLMVQTEDQYVFLNQCVLDIIRAQKDSKVDLIYQNTT
AMTIYENLERVSMFGKANGYIA
;
_entity_poly.pdbx_strand_id   A
#
loop_
_chem_comp.id
_chem_comp.type
_chem_comp.name
_chem_comp.formula
CL non-polymer 'CHLORIDE ION' 'Cl -1'
#
# COMPACT_ATOMS: atom_id res chain seq x y z
N SER A 23 11.28 -22.30 8.33
CA SER A 23 12.59 -21.69 8.49
C SER A 23 12.77 -20.55 7.48
N LYS A 24 11.72 -19.78 7.25
CA LYS A 24 11.86 -18.57 6.44
C LYS A 24 12.25 -17.40 7.33
N LEU A 25 12.25 -17.64 8.64
CA LEU A 25 12.67 -16.63 9.60
C LEU A 25 14.17 -16.53 9.59
N ILE A 26 14.70 -15.36 9.23
CA ILE A 26 16.13 -15.16 9.24
C ILE A 26 16.49 -14.16 10.31
N ARG A 27 17.38 -14.55 11.22
CA ARG A 27 17.84 -13.60 12.21
C ARG A 27 18.65 -12.54 11.50
N VAL A 28 18.55 -11.29 11.95
CA VAL A 28 19.30 -10.23 11.27
C VAL A 28 20.79 -10.56 11.25
N GLU A 29 21.31 -11.19 12.32
CA GLU A 29 22.72 -11.58 12.40
C GLU A 29 23.11 -12.54 11.28
N ASN A 30 22.12 -13.18 10.68
CA ASN A 30 22.39 -14.14 9.60
C ASN A 30 21.87 -13.63 8.27
N PHE A 31 21.25 -12.45 8.26
CA PHE A 31 20.60 -12.02 7.03
C PHE A 31 21.56 -11.75 5.87
N GLU A 32 22.69 -11.12 6.15
CA GLU A 32 23.57 -10.80 5.03
C GLU A 32 24.05 -12.05 4.30
N ALA A 33 24.40 -13.09 5.06
CA ALA A 33 24.86 -14.33 4.46
C ALA A 33 23.73 -14.97 3.69
N TYR A 34 22.52 -14.90 4.27
CA TYR A 34 21.35 -15.45 3.63
C TYR A 34 21.12 -14.75 2.31
N PHE A 35 21.24 -13.42 2.32
CA PHE A 35 21.01 -12.61 1.14
C PHE A 35 22.00 -12.96 0.03
N LYS A 36 23.28 -13.07 0.39
CA LYS A 36 24.31 -13.44 -0.58
C LYS A 36 23.98 -14.81 -1.17
N LYS A 37 23.56 -15.73 -0.30
CA LYS A 37 23.19 -17.07 -0.73
C LYS A 37 22.06 -17.01 -1.74
N GLN A 38 21.05 -16.20 -1.44
CA GLN A 38 19.85 -16.12 -2.24
C GLN A 38 20.09 -15.32 -3.51
N GLN A 39 21.14 -14.52 -3.49
CA GLN A 39 21.51 -13.67 -4.62
C GLN A 39 22.34 -14.45 -5.63
N ALA A 40 22.93 -15.55 -5.19
CA ALA A 40 23.78 -16.36 -6.06
C ALA A 40 22.99 -16.86 -7.27
N ASP A 41 23.71 -17.05 -8.37
CA ASP A 41 23.10 -17.56 -9.61
C ASP A 41 21.92 -16.71 -10.03
N SER A 42 22.17 -15.42 -10.17
CA SER A 42 21.16 -14.51 -10.70
C SER A 42 19.91 -14.51 -9.81
N ASN A 43 20.10 -14.38 -8.50
CA ASN A 43 19.01 -14.32 -7.55
C ASN A 43 18.18 -15.59 -7.54
N CYS A 44 18.84 -16.71 -7.77
CA CYS A 44 18.13 -17.97 -7.88
C CYS A 44 17.28 -18.24 -6.65
N GLY A 45 17.88 -18.08 -5.48
CA GLY A 45 17.21 -18.36 -4.23
C GLY A 45 16.02 -17.43 -4.03
N PHE A 46 16.21 -16.15 -4.30
CA PHE A 46 15.10 -15.21 -4.22
C PHE A 46 14.03 -15.57 -5.24
N ALA A 47 14.45 -15.95 -6.44
CA ALA A 47 13.53 -16.34 -7.48
C ALA A 47 12.70 -17.54 -7.02
N GLU A 48 13.36 -18.46 -6.32
CA GLU A 48 12.69 -19.65 -5.81
C GLU A 48 11.66 -19.29 -4.75
N GLU A 49 12.05 -18.41 -3.84
CA GLU A 49 11.12 -17.99 -2.79
C GLU A 49 9.93 -17.33 -3.42
N TYR A 50 10.19 -16.46 -4.39
CA TYR A 50 9.15 -15.69 -5.02
C TYR A 50 8.24 -16.60 -5.83
N GLU A 51 8.82 -17.61 -6.48
CA GLU A 51 8.03 -18.56 -7.24
C GLU A 51 7.14 -19.37 -6.31
N ASP A 52 7.65 -19.65 -5.12
CA ASP A 52 6.87 -20.36 -4.10
C ASP A 52 5.66 -19.57 -3.65
N LEU A 53 5.76 -18.25 -3.77
CA LEU A 53 4.65 -17.37 -3.42
C LEU A 53 3.61 -17.27 -4.52
N LYS A 54 3.96 -17.74 -5.72
CA LYS A 54 3.18 -17.44 -6.91
C LYS A 54 1.68 -17.69 -6.77
N LEU A 55 1.33 -18.84 -6.21
CA LEU A 55 -0.06 -19.28 -6.18
C LEU A 55 -0.74 -18.92 -4.88
N ILE A 56 -0.02 -18.27 -3.99
CA ILE A 56 -0.61 -18.00 -2.71
C ILE A 56 -1.81 -17.06 -2.79
N GLY A 57 -2.92 -17.51 -2.22
CA GLY A 57 -4.14 -16.72 -2.12
C GLY A 57 -5.00 -16.71 -3.36
N ILE A 58 -4.48 -17.21 -4.48
CA ILE A 58 -5.18 -16.97 -5.74
C ILE A 58 -6.52 -17.71 -5.88
N SER A 59 -6.72 -18.72 -5.05
CA SER A 59 -7.99 -19.44 -5.07
C SER A 59 -8.99 -18.83 -4.09
N LEU A 60 -8.63 -17.72 -3.44
CA LEU A 60 -9.58 -17.07 -2.54
C LEU A 60 -10.65 -16.43 -3.40
N PRO A 61 -11.92 -16.66 -3.05
CA PRO A 61 -13.04 -16.08 -3.81
C PRO A 61 -12.92 -14.57 -3.91
N LYS A 62 -13.31 -14.04 -5.07
CA LYS A 62 -13.33 -12.62 -5.32
C LYS A 62 -14.67 -12.32 -5.95
N TYR A 63 -15.74 -12.83 -5.35
CA TYR A 63 -17.06 -12.74 -5.94
C TYR A 63 -17.54 -11.29 -6.06
N ALA A 64 -17.37 -10.49 -5.01
CA ALA A 64 -17.89 -9.13 -5.06
C ALA A 64 -17.22 -8.38 -6.21
N ALA A 65 -15.92 -8.56 -6.33
CA ALA A 65 -15.14 -7.90 -7.39
C ALA A 65 -15.61 -8.28 -8.78
N GLU A 66 -16.25 -9.44 -8.89
CA GLU A 66 -16.66 -9.98 -10.18
C GLU A 66 -18.11 -9.71 -10.51
N ILE A 67 -18.84 -9.16 -9.54
CA ILE A 67 -20.22 -8.77 -9.81
C ILE A 67 -20.24 -7.74 -10.94
N ALA A 68 -21.18 -7.90 -11.86
CA ALA A 68 -21.23 -7.06 -13.05
C ALA A 68 -21.10 -5.58 -12.69
N GLU A 69 -21.87 -5.16 -11.70
CA GLU A 69 -21.91 -3.76 -11.27
C GLU A 69 -20.56 -3.29 -10.74
N ASN A 70 -19.75 -4.22 -10.25
CA ASN A 70 -18.47 -3.85 -9.65
C ASN A 70 -17.30 -3.95 -10.60
N ARG A 71 -17.49 -4.61 -11.73
CA ARG A 71 -16.36 -4.86 -12.61
C ARG A 71 -15.72 -3.57 -13.07
N GLY A 72 -16.55 -2.56 -13.31
CA GLY A 72 -16.07 -1.28 -13.78
C GLY A 72 -15.46 -0.46 -12.67
N LYS A 73 -15.51 -0.97 -11.44
CA LYS A 73 -14.91 -0.28 -10.31
C LYS A 73 -13.50 -0.81 -10.10
N ASN A 74 -13.11 -1.76 -10.92
CA ASN A 74 -11.76 -2.30 -10.87
C ASN A 74 -10.91 -1.70 -11.95
N ARG A 75 -9.75 -1.18 -11.54
CA ARG A 75 -8.85 -0.58 -12.50
C ARG A 75 -8.32 -1.64 -13.44
N TYR A 76 -7.90 -2.76 -12.88
CA TYR A 76 -7.41 -3.88 -13.70
C TYR A 76 -8.25 -5.11 -13.43
N ASN A 77 -8.69 -5.75 -14.49
CA ASN A 77 -9.60 -6.88 -14.36
C ASN A 77 -8.97 -8.07 -13.64
N ASN A 78 -7.65 -8.10 -13.59
CA ASN A 78 -6.96 -9.21 -12.94
C ASN A 78 -6.36 -8.79 -11.60
N VAL A 79 -6.77 -7.65 -11.10
CA VAL A 79 -6.43 -7.28 -9.75
C VAL A 79 -7.70 -7.04 -8.97
N LEU A 80 -8.19 -8.11 -8.38
CA LEU A 80 -9.48 -8.08 -7.72
C LEU A 80 -9.29 -8.42 -6.26
N PRO A 81 -9.97 -7.68 -5.39
CA PRO A 81 -9.87 -7.92 -3.96
C PRO A 81 -10.51 -9.26 -3.60
N TYR A 82 -9.85 -10.04 -2.76
CA TYR A 82 -10.48 -11.23 -2.23
C TYR A 82 -11.58 -10.83 -1.27
N ASP A 83 -12.68 -11.56 -1.32
CA ASP A 83 -13.82 -11.30 -0.45
C ASP A 83 -13.41 -11.35 1.01
N ILE A 84 -12.50 -12.25 1.32
CA ILE A 84 -12.18 -12.50 2.71
C ILE A 84 -11.55 -11.28 3.40
N SER A 85 -10.99 -10.37 2.61
CA SER A 85 -10.23 -9.27 3.17
C SER A 85 -10.67 -7.93 2.58
N ARG A 86 -11.68 -7.96 1.72
CA ARG A 86 -12.00 -6.75 0.98
C ARG A 86 -12.59 -5.72 1.93
N VAL A 87 -12.34 -4.46 1.62
CA VAL A 87 -12.87 -3.37 2.40
C VAL A 87 -14.31 -3.19 1.96
N LYS A 88 -15.24 -3.29 2.90
CA LYS A 88 -16.66 -3.16 2.58
C LYS A 88 -17.16 -1.81 3.03
N LEU A 89 -17.72 -1.03 2.10
CA LEU A 89 -18.22 0.28 2.44
C LEU A 89 -19.68 0.19 2.84
N SER A 90 -20.22 1.32 3.30
CA SER A 90 -21.62 1.39 3.65
C SER A 90 -22.44 1.13 2.40
N VAL A 91 -23.67 0.72 2.60
CA VAL A 91 -24.54 0.50 1.47
C VAL A 91 -25.66 1.53 1.57
N GLN A 92 -26.00 2.13 0.44
CA GLN A 92 -27.10 3.08 0.38
C GLN A 92 -28.32 2.36 -0.20
N THR A 93 -28.32 2.19 -1.51
CA THR A 93 -29.47 1.64 -2.21
C THR A 93 -29.21 0.22 -2.69
N HIS A 94 -27.95 -0.16 -2.79
CA HIS A 94 -27.62 -1.44 -3.39
C HIS A 94 -26.43 -2.07 -2.70
N SER A 95 -26.46 -3.40 -2.60
CA SER A 95 -25.42 -4.12 -1.92
C SER A 95 -24.04 -3.80 -2.53
N THR A 96 -24.01 -3.57 -3.84
CA THR A 96 -22.73 -3.33 -4.52
C THR A 96 -22.17 -1.96 -4.17
N ASP A 97 -22.96 -1.16 -3.47
CA ASP A 97 -22.43 0.10 -2.94
C ASP A 97 -21.29 -0.18 -1.97
N ASP A 98 -21.20 -1.40 -1.47
CA ASP A 98 -20.19 -1.69 -0.45
C ASP A 98 -18.82 -1.88 -1.09
N TYR A 99 -18.80 -1.85 -2.41
CA TYR A 99 -17.64 -2.37 -3.11
C TYR A 99 -16.60 -1.31 -3.41
N ILE A 100 -15.36 -1.66 -3.08
CA ILE A 100 -14.23 -0.89 -3.56
C ILE A 100 -13.09 -1.86 -3.74
N ASN A 101 -12.26 -1.62 -4.73
CA ASN A 101 -11.16 -2.49 -4.97
C ASN A 101 -10.07 -2.16 -3.97
N ALA A 102 -10.15 -2.82 -2.83
CA ALA A 102 -9.29 -2.54 -1.68
C ALA A 102 -9.40 -3.72 -0.73
N ASN A 103 -8.30 -4.01 -0.05
CA ASN A 103 -8.31 -5.04 0.97
C ASN A 103 -7.56 -4.54 2.18
N TYR A 104 -8.00 -4.99 3.35
CA TYR A 104 -7.24 -4.77 4.57
C TYR A 104 -6.01 -5.63 4.47
N MET A 105 -4.86 -5.05 4.76
CA MET A 105 -3.63 -5.81 4.75
C MET A 105 -3.07 -5.73 6.15
N PRO A 106 -2.69 -6.87 6.70
CA PRO A 106 -2.09 -6.79 8.02
C PRO A 106 -0.79 -6.01 7.97
N GLY A 107 -0.54 -5.33 9.08
CA GLY A 107 0.75 -4.77 9.31
C GLY A 107 1.38 -5.57 10.41
N TYR A 108 2.48 -5.05 10.92
CA TYR A 108 3.15 -5.71 12.02
C TYR A 108 2.23 -5.86 13.24
N HIS A 109 1.42 -4.84 13.50
CA HIS A 109 0.64 -4.77 14.72
C HIS A 109 -0.77 -5.33 14.66
N SER A 110 -1.43 -5.20 13.51
CA SER A 110 -2.80 -5.68 13.45
C SER A 110 -3.22 -6.00 12.05
N LYS A 111 -4.30 -6.76 11.96
CA LYS A 111 -4.79 -7.28 10.70
C LYS A 111 -5.29 -6.15 9.82
N LYS A 112 -5.54 -4.99 10.41
CA LYS A 112 -6.08 -3.90 9.60
C LYS A 112 -5.19 -2.66 9.60
N ASP A 113 -3.90 -2.87 9.76
CA ASP A 113 -2.96 -1.74 9.77
C ASP A 113 -2.98 -0.99 8.47
N PHE A 114 -3.30 -1.70 7.40
CA PHE A 114 -3.27 -1.09 6.09
C PHE A 114 -4.53 -1.39 5.33
N ILE A 115 -4.84 -0.52 4.39
CA ILE A 115 -5.74 -0.88 3.32
C ILE A 115 -4.92 -0.72 2.06
N ALA A 116 -4.82 -1.80 1.29
CA ALA A 116 -4.20 -1.69 -0.02
C ALA A 116 -5.33 -1.51 -1.02
N THR A 117 -5.21 -0.50 -1.85
CA THR A 117 -6.24 -0.24 -2.81
C THR A 117 -5.63 0.23 -4.12
N GLN A 118 -6.41 0.19 -5.19
CA GLN A 118 -5.93 0.64 -6.47
C GLN A 118 -5.98 2.17 -6.51
N GLY A 119 -5.24 2.76 -7.44
CA GLY A 119 -5.40 4.18 -7.67
C GLY A 119 -6.81 4.33 -8.17
N PRO A 120 -7.58 5.25 -7.56
CA PRO A 120 -9.00 5.24 -7.91
C PRO A 120 -9.25 5.73 -9.32
N LEU A 121 -10.41 5.35 -9.83
CA LEU A 121 -10.85 5.71 -11.18
C LEU A 121 -11.80 6.88 -11.10
N PRO A 122 -12.08 7.52 -12.25
CA PRO A 122 -13.01 8.65 -12.20
C PRO A 122 -14.33 8.24 -11.57
N ASN A 123 -14.77 7.01 -11.85
CA ASN A 123 -16.05 6.55 -11.31
C ASN A 123 -15.95 5.97 -9.90
N THR A 124 -14.76 5.92 -9.34
CA THR A 124 -14.67 5.40 -7.96
C THR A 124 -14.11 6.42 -7.01
N LEU A 125 -14.04 7.67 -7.45
CA LEU A 125 -13.50 8.72 -6.58
C LEU A 125 -14.35 8.85 -5.32
N LYS A 126 -15.67 8.86 -5.50
CA LYS A 126 -16.56 8.99 -4.34
C LYS A 126 -16.37 7.80 -3.42
N ASP A 127 -16.29 6.61 -4.02
CA ASP A 127 -16.06 5.40 -3.27
C ASP A 127 -14.75 5.49 -2.50
N PHE A 128 -13.73 6.00 -3.17
CA PHE A 128 -12.42 6.12 -2.55
C PHE A 128 -12.50 6.97 -1.30
N TRP A 129 -13.08 8.15 -1.41
CA TRP A 129 -13.18 9.02 -0.25
C TRP A 129 -14.14 8.48 0.79
N ARG A 130 -15.14 7.74 0.36
CA ARG A 130 -16.06 7.12 1.29
C ARG A 130 -15.30 6.09 2.12
N MET A 131 -14.38 5.39 1.48
CA MET A 131 -13.57 4.42 2.20
C MET A 131 -12.66 5.16 3.15
N VAL A 132 -12.02 6.20 2.65
CA VAL A 132 -11.16 7.01 3.49
C VAL A 132 -11.92 7.45 4.72
N TRP A 133 -13.15 7.93 4.51
CA TRP A 133 -13.93 8.42 5.64
C TRP A 133 -14.38 7.30 6.55
N GLU A 134 -15.05 6.32 5.97
CA GLU A 134 -15.68 5.28 6.78
C GLU A 134 -14.67 4.41 7.49
N LYS A 135 -13.48 4.29 6.91
CA LYS A 135 -12.51 3.37 7.48
C LYS A 135 -11.46 4.10 8.30
N ASN A 136 -11.69 5.38 8.58
CA ASN A 136 -10.91 6.08 9.57
C ASN A 136 -9.48 6.30 9.09
N VAL A 137 -9.32 6.54 7.80
CA VAL A 137 -8.00 6.73 7.22
C VAL A 137 -7.51 8.16 7.49
N TYR A 138 -6.34 8.28 8.10
CA TYR A 138 -5.73 9.58 8.36
C TYR A 138 -4.50 9.74 7.47
N ALA A 139 -4.01 8.63 6.95
CA ALA A 139 -2.80 8.66 6.12
C ALA A 139 -3.01 7.90 4.83
N ILE A 140 -2.64 8.53 3.73
CA ILE A 140 -2.66 7.85 2.45
C ILE A 140 -1.25 7.82 1.98
N VAL A 141 -0.81 6.65 1.52
CA VAL A 141 0.49 6.54 0.91
C VAL A 141 0.25 6.24 -0.54
N MET A 142 0.71 7.14 -1.40
CA MET A 142 0.49 7.02 -2.81
C MET A 142 1.82 6.78 -3.48
N LEU A 143 1.92 5.68 -4.21
CA LEU A 143 3.23 5.25 -4.68
C LEU A 143 3.31 5.25 -6.18
N THR A 144 2.62 6.19 -6.78
CA THR A 144 2.61 6.31 -8.21
C THR A 144 2.41 7.77 -8.58
N LYS A 145 2.88 8.15 -9.75
CA LYS A 145 2.41 9.38 -10.33
C LYS A 145 1.08 9.02 -10.93
N CYS A 146 0.22 10.01 -11.11
CA CYS A 146 -1.06 9.81 -11.77
C CYS A 146 -0.88 9.28 -13.16
N VAL A 147 0.19 9.71 -13.81
CA VAL A 147 0.47 9.28 -15.16
C VAL A 147 1.92 8.81 -15.22
N GLU A 148 2.12 7.61 -15.76
CA GLU A 148 3.45 7.04 -15.89
C GLU A 148 3.68 6.45 -17.28
N GLN A 149 4.48 7.15 -18.07
CA GLN A 149 4.78 6.72 -19.43
C GLN A 149 3.52 6.94 -20.20
N GLY A 150 3.06 8.13 -20.05
CA GLY A 150 2.00 8.64 -20.90
C GLY A 150 0.69 7.90 -20.69
N ARG A 151 0.60 7.17 -19.58
CA ARG A 151 -0.60 6.42 -19.26
C ARG A 151 -1.12 6.77 -17.87
N THR A 152 -2.44 6.81 -17.72
CA THR A 152 -3.07 7.13 -16.44
C THR A 152 -2.97 5.92 -15.52
N LYS A 153 -2.29 6.12 -14.40
CA LYS A 153 -2.15 5.08 -13.41
C LYS A 153 -3.12 5.32 -12.26
N CYS A 154 -3.57 6.56 -12.12
CA CYS A 154 -4.35 6.94 -10.95
C CYS A 154 -4.98 8.29 -11.19
N GLU A 155 -6.25 8.44 -10.82
CA GLU A 155 -6.87 9.75 -10.91
C GLU A 155 -6.23 10.69 -9.90
N GLU A 156 -6.20 11.98 -10.20
CA GLU A 156 -5.79 12.94 -9.21
C GLU A 156 -7.02 13.13 -8.33
N TYR A 157 -7.11 12.30 -7.30
CA TYR A 157 -8.36 12.16 -6.55
C TYR A 157 -8.42 13.14 -5.42
N TRP A 158 -7.39 13.96 -5.27
CA TRP A 158 -7.31 14.88 -4.16
C TRP A 158 -7.45 16.31 -4.64
N PRO A 159 -7.98 17.18 -3.79
CA PRO A 159 -8.19 18.57 -4.19
C PRO A 159 -6.97 19.43 -3.94
N SER A 160 -7.01 20.64 -4.45
CA SER A 160 -6.08 21.70 -4.06
C SER A 160 -6.66 22.35 -2.82
N LYS A 161 -6.20 23.57 -2.54
CA LYS A 161 -6.73 24.32 -1.39
C LYS A 161 -8.25 24.47 -1.48
N GLN A 162 -8.76 24.58 -2.70
CA GLN A 162 -10.21 24.71 -2.90
C GLN A 162 -10.90 23.38 -2.60
N ALA A 163 -11.79 23.42 -1.62
CA ALA A 163 -12.55 22.24 -1.20
C ALA A 163 -13.27 21.59 -2.37
N GLN A 164 -13.23 20.27 -2.42
CA GLN A 164 -14.04 19.53 -3.39
C GLN A 164 -14.90 18.54 -2.65
N ASP A 165 -16.13 18.35 -3.13
CA ASP A 165 -17.01 17.36 -2.57
C ASP A 165 -16.87 16.08 -3.38
N TYR A 166 -16.66 14.97 -2.67
CA TYR A 166 -16.74 13.67 -3.28
C TYR A 166 -17.88 12.95 -2.59
N GLY A 167 -19.07 13.00 -3.20
CA GLY A 167 -20.27 12.56 -2.50
C GLY A 167 -20.42 13.36 -1.21
N ASP A 168 -20.60 12.66 -0.08
CA ASP A 168 -20.81 13.34 1.20
C ASP A 168 -19.51 13.81 1.83
N ILE A 169 -18.40 13.46 1.21
CA ILE A 169 -17.11 13.77 1.80
C ILE A 169 -16.50 15.00 1.14
N THR A 170 -16.17 15.99 1.95
CA THR A 170 -15.54 17.18 1.40
C THR A 170 -14.10 17.24 1.85
N VAL A 171 -13.22 17.51 0.89
CA VAL A 171 -11.81 17.49 1.17
C VAL A 171 -11.23 18.79 0.68
N ALA A 172 -10.35 19.35 1.49
CA ALA A 172 -9.67 20.57 1.14
C ALA A 172 -8.23 20.38 1.52
N MET A 173 -7.33 20.75 0.63
CA MET A 173 -5.93 20.66 0.93
C MET A 173 -5.51 21.84 1.79
N THR A 174 -4.81 21.58 2.88
CA THR A 174 -4.39 22.66 3.78
C THR A 174 -2.93 23.03 3.61
N SER A 175 -2.14 22.08 3.12
CA SER A 175 -0.76 22.38 2.80
C SER A 175 -0.23 21.33 1.86
N GLU A 176 0.84 21.69 1.16
CA GLU A 176 1.49 20.81 0.22
C GLU A 176 2.95 21.16 0.21
N VAL A 177 3.79 20.18 0.49
CA VAL A 177 5.22 20.38 0.43
C VAL A 177 5.77 19.44 -0.63
N VAL A 178 6.39 20.02 -1.65
CA VAL A 178 6.95 19.22 -2.72
C VAL A 178 8.46 19.10 -2.57
N LEU A 179 8.94 17.87 -2.62
CA LEU A 179 10.36 17.61 -2.79
C LEU A 179 10.48 16.81 -4.07
N PRO A 180 11.69 16.69 -4.62
CA PRO A 180 11.77 15.88 -5.84
C PRO A 180 11.34 14.44 -5.59
N GLU A 181 11.65 13.94 -4.40
CA GLU A 181 11.45 12.53 -4.06
C GLU A 181 9.99 12.21 -3.76
N TRP A 182 9.33 13.14 -3.07
CA TRP A 182 7.94 12.96 -2.72
C TRP A 182 7.29 14.28 -2.35
N THR A 183 5.97 14.26 -2.40
CA THR A 183 5.17 15.40 -2.03
C THR A 183 4.30 14.97 -0.89
N ILE A 184 4.17 15.84 0.10
CA ILE A 184 3.32 15.54 1.23
C ILE A 184 2.22 16.57 1.24
N ARG A 185 0.99 16.09 1.31
CA ARG A 185 -0.15 16.98 1.26
C ARG A 185 -0.99 16.74 2.50
N ASP A 186 -1.40 17.83 3.12
CA ASP A 186 -2.33 17.73 4.21
C ASP A 186 -3.68 18.20 3.74
N PHE A 187 -4.70 17.51 4.21
CA PHE A 187 -6.08 17.86 3.92
C PHE A 187 -6.88 17.85 5.20
N VAL A 188 -8.03 18.47 5.12
CA VAL A 188 -9.06 18.26 6.11
C VAL A 188 -10.11 17.46 5.37
N VAL A 189 -10.54 16.37 5.99
CA VAL A 189 -11.58 15.56 5.40
C VAL A 189 -12.82 15.71 6.26
N LYS A 190 -13.91 16.07 5.63
CA LYS A 190 -15.14 16.32 6.36
C LYS A 190 -16.28 15.52 5.76
N ASN A 191 -17.07 14.93 6.64
CA ASN A 191 -18.33 14.37 6.23
C ASN A 191 -19.40 15.46 6.38
N MET A 192 -19.89 15.94 5.25
CA MET A 192 -20.86 17.03 5.24
C MET A 192 -22.18 16.63 5.88
N GLN A 193 -22.50 15.34 5.85
CA GLN A 193 -23.73 14.86 6.49
C GLN A 193 -23.65 14.94 8.01
N SER A 194 -22.45 14.71 8.57
CA SER A 194 -22.34 14.58 10.01
C SER A 194 -21.61 15.76 10.66
N SER A 195 -20.96 16.57 9.84
CA SER A 195 -20.15 17.68 10.35
C SER A 195 -18.91 17.18 11.10
N GLU A 196 -18.63 15.90 10.99
CA GLU A 196 -17.40 15.38 11.54
C GLU A 196 -16.28 15.68 10.56
N SER A 197 -15.08 15.87 11.09
CA SER A 197 -13.92 16.07 10.24
C SER A 197 -12.67 15.60 10.94
N HIS A 198 -11.62 15.39 10.16
CA HIS A 198 -10.32 15.15 10.73
C HIS A 198 -9.29 15.33 9.63
N PRO A 199 -8.01 15.37 10.03
CA PRO A 199 -6.95 15.58 9.07
C PRO A 199 -6.68 14.32 8.30
N LEU A 200 -6.06 14.50 7.14
CA LEU A 200 -5.53 13.38 6.42
C LEU A 200 -4.26 13.91 5.82
N ARG A 201 -3.22 13.11 5.90
CA ARG A 201 -1.98 13.44 5.23
C ARG A 201 -1.75 12.41 4.16
N GLN A 202 -1.37 12.89 2.99
CA GLN A 202 -1.12 12.04 1.87
C GLN A 202 0.36 12.12 1.58
N PHE A 203 0.99 10.97 1.64
CA PHE A 203 2.42 10.86 1.34
C PHE A 203 2.52 10.39 -0.08
N HIS A 204 2.88 11.31 -0.95
CA HIS A 204 2.93 11.01 -2.36
C HIS A 204 4.37 10.77 -2.78
N PHE A 205 4.73 9.50 -2.89
CA PHE A 205 6.04 9.11 -3.37
C PHE A 205 5.99 9.24 -4.88
N THR A 206 6.67 10.24 -5.41
CA THR A 206 6.55 10.55 -6.82
C THR A 206 7.73 10.01 -7.62
N SER A 207 8.70 9.44 -6.91
CA SER A 207 9.98 9.15 -7.54
C SER A 207 10.25 7.67 -7.76
N TRP A 208 9.24 6.83 -7.67
CA TRP A 208 9.44 5.45 -8.05
C TRP A 208 9.71 5.43 -9.56
N PRO A 209 10.74 4.69 -10.00
CA PRO A 209 11.09 4.76 -11.43
C PRO A 209 9.93 4.27 -12.28
N ASP A 210 9.81 4.76 -13.51
CA ASP A 210 8.73 4.35 -14.39
C ASP A 210 8.85 2.86 -14.67
N HIS A 211 10.07 2.36 -14.66
CA HIS A 211 10.32 0.94 -14.84
C HIS A 211 11.23 0.44 -13.73
N GLY A 212 10.93 -0.75 -13.24
CA GLY A 212 11.75 -1.37 -12.22
C GLY A 212 11.61 -0.68 -10.89
N VAL A 213 12.44 -1.08 -9.95
CA VAL A 213 12.39 -0.59 -8.59
C VAL A 213 13.36 0.55 -8.43
N PRO A 214 13.23 1.30 -7.32
CA PRO A 214 14.21 2.36 -7.06
C PRO A 214 15.65 1.82 -7.05
N ASP A 215 16.60 2.65 -7.50
CA ASP A 215 18.00 2.25 -7.53
C ASP A 215 18.58 2.02 -6.14
N THR A 216 18.05 2.75 -5.16
CA THR A 216 18.50 2.61 -3.78
C THR A 216 17.27 2.45 -2.91
N THR A 217 17.48 2.04 -1.67
CA THR A 217 16.36 1.75 -0.79
C THR A 217 16.16 2.87 0.22
N ASP A 218 17.17 3.72 0.39
CA ASP A 218 17.13 4.68 1.48
C ASP A 218 15.95 5.65 1.37
N LEU A 219 15.65 6.11 0.16
CA LEU A 219 14.61 7.11 0.00
C LEU A 219 13.25 6.53 0.36
N LEU A 220 12.96 5.34 -0.14
CA LEU A 220 11.68 4.73 0.18
C LEU A 220 11.62 4.43 1.67
N ILE A 221 12.74 4.01 2.24
CA ILE A 221 12.77 3.71 3.67
C ILE A 221 12.58 4.98 4.49
N ASN A 222 13.26 6.06 4.10
CA ASN A 222 13.07 7.35 4.77
CA ASN A 222 13.07 7.35 4.77
C ASN A 222 11.64 7.85 4.63
N PHE A 223 11.06 7.60 3.45
CA PHE A 223 9.67 7.97 3.20
C PHE A 223 8.77 7.17 4.13
N ARG A 224 9.01 5.86 4.24
CA ARG A 224 8.29 5.05 5.22
C ARG A 224 8.42 5.64 6.62
N TYR A 225 9.64 6.00 7.01
CA TYR A 225 9.82 6.60 8.32
CA TYR A 225 9.84 6.62 8.32
C TYR A 225 8.97 7.86 8.49
N LEU A 226 8.86 8.66 7.43
CA LEU A 226 8.02 9.86 7.51
C LEU A 226 6.56 9.49 7.77
N VAL A 227 6.08 8.49 7.03
CA VAL A 227 4.72 8.03 7.22
C VAL A 227 4.54 7.59 8.66
N ARG A 228 5.48 6.79 9.14
CA ARG A 228 5.40 6.26 10.49
C ARG A 228 5.47 7.36 11.54
N ASP A 229 6.30 8.37 11.28
CA ASP A 229 6.39 9.49 12.21
C ASP A 229 5.02 10.12 12.39
N TYR A 230 4.34 10.34 11.27
CA TYR A 230 3.01 10.89 11.31
C TYR A 230 2.01 9.94 11.97
N MET A 231 2.09 8.66 11.64
CA MET A 231 1.16 7.67 12.19
C MET A 231 1.19 7.63 13.71
N LYS A 232 2.31 8.07 14.31
CA LYS A 232 2.41 8.07 15.76
C LYS A 232 1.41 9.05 16.37
N GLN A 233 0.92 9.96 15.54
CA GLN A 233 0.04 11.04 15.98
C GLN A 233 -1.43 10.69 15.78
N ILE A 234 -1.66 9.52 15.20
CA ILE A 234 -2.96 9.16 14.67
C ILE A 234 -3.70 8.27 15.66
N PRO A 235 -5.05 8.37 15.67
CA PRO A 235 -5.78 7.52 16.63
C PRO A 235 -5.63 6.06 16.28
N PRO A 236 -6.09 5.18 17.19
CA PRO A 236 -6.03 3.73 16.98
C PRO A 236 -6.97 3.29 15.88
N GLU A 237 -6.73 2.09 15.36
CA GLU A 237 -7.57 1.52 14.33
C GLU A 237 -7.74 2.50 13.21
N SER A 238 -6.63 3.10 12.78
CA SER A 238 -6.67 3.94 11.60
C SER A 238 -5.74 3.33 10.57
N PRO A 239 -6.31 2.63 9.58
CA PRO A 239 -5.54 1.91 8.57
C PRO A 239 -4.81 2.92 7.72
N ILE A 240 -3.59 2.59 7.34
CA ILE A 240 -2.88 3.42 6.38
C ILE A 240 -3.37 2.97 5.01
N LEU A 241 -3.88 3.91 4.24
CA LEU A 241 -4.38 3.56 2.92
C LEU A 241 -3.18 3.69 1.99
N VAL A 242 -2.82 2.58 1.36
CA VAL A 242 -1.65 2.58 0.49
C VAL A 242 -2.12 2.20 -0.88
N HIS A 243 -1.67 2.94 -1.89
CA HIS A 243 -2.06 2.59 -3.25
C HIS A 243 -0.98 3.03 -4.20
N CYS A 244 -0.92 2.35 -5.34
CA CYS A 244 -0.13 2.82 -6.46
C CYS A 244 -1.13 2.81 -7.59
N SER A 245 -0.86 2.04 -8.63
CA SER A 245 -1.78 1.83 -9.75
CA SER A 245 -1.87 1.92 -9.68
C SER A 245 -2.82 0.78 -9.38
N ALA A 246 -2.34 -0.45 -9.35
CA ALA A 246 -3.17 -1.59 -9.04
C ALA A 246 -3.28 -1.80 -7.53
N GLY A 247 -2.40 -1.17 -6.78
CA GLY A 247 -2.41 -1.32 -5.34
C GLY A 247 -1.87 -2.66 -4.94
N VAL A 248 -0.93 -3.21 -5.70
CA VAL A 248 -0.35 -4.48 -5.33
C VAL A 248 1.17 -4.50 -5.34
N GLY A 249 1.78 -3.92 -6.37
CA GLY A 249 3.22 -4.03 -6.50
C GLY A 249 3.96 -3.10 -5.57
N ARG A 250 4.05 -1.84 -5.95
CA ARG A 250 4.69 -0.85 -5.09
C ARG A 250 4.03 -0.83 -3.73
N THR A 251 2.72 -0.96 -3.73
CA THR A 251 1.94 -0.95 -2.51
C THR A 251 2.36 -2.08 -1.60
N GLY A 252 2.44 -3.28 -2.15
CA GLY A 252 2.81 -4.44 -1.37
C GLY A 252 4.23 -4.29 -0.89
N THR A 253 5.08 -3.74 -1.75
CA THR A 253 6.47 -3.53 -1.39
C THR A 253 6.57 -2.58 -0.21
N PHE A 254 5.86 -1.47 -0.29
CA PHE A 254 5.89 -0.51 0.79
C PHE A 254 5.37 -1.15 2.09
N ILE A 255 4.25 -1.85 2.00
CA ILE A 255 3.69 -2.44 3.20
C ILE A 255 4.66 -3.44 3.79
N ALA A 256 5.25 -4.25 2.92
CA ALA A 256 6.20 -5.26 3.38
C ALA A 256 7.40 -4.59 4.04
N ILE A 257 7.89 -3.51 3.46
CA ILE A 257 9.04 -2.83 4.03
C ILE A 257 8.70 -2.34 5.43
N ASP A 258 7.49 -1.80 5.56
CA ASP A 258 7.09 -1.27 6.85
C ASP A 258 7.08 -2.38 7.88
N ARG A 259 6.52 -3.51 7.48
CA ARG A 259 6.43 -4.66 8.36
C ARG A 259 7.79 -5.22 8.70
N LEU A 260 8.66 -5.30 7.71
CA LEU A 260 10.01 -5.81 7.93
C LEU A 260 10.77 -4.94 8.90
N ILE A 261 10.60 -3.63 8.79
CA ILE A 261 11.32 -2.74 9.69
C ILE A 261 10.89 -2.98 11.12
N TYR A 262 9.59 -3.11 11.35
CA TYR A 262 9.15 -3.41 12.71
C TYR A 262 9.74 -4.71 13.20
N GLN A 263 9.71 -5.72 12.34
CA GLN A 263 10.22 -7.05 12.63
CA GLN A 263 10.19 -7.02 12.75
C GLN A 263 11.68 -6.95 13.05
N ILE A 264 12.46 -6.24 12.24
CA ILE A 264 13.88 -6.05 12.51
C ILE A 264 14.06 -5.34 13.85
N GLU A 265 13.31 -4.25 14.03
CA GLU A 265 13.44 -3.43 15.23
C GLU A 265 13.01 -4.19 16.47
N ASN A 266 11.92 -4.94 16.36
CA ASN A 266 11.33 -5.58 17.52
C ASN A 266 11.80 -7.00 17.80
N GLU A 267 12.28 -7.69 16.77
CA GLU A 267 12.58 -9.10 16.93
C GLU A 267 13.94 -9.48 16.39
N ASN A 268 14.61 -8.55 15.72
CA ASN A 268 15.92 -8.84 15.13
C ASN A 268 15.87 -9.99 14.18
N THR A 269 14.73 -10.14 13.50
CA THR A 269 14.57 -11.24 12.59
C THR A 269 13.80 -10.69 11.42
N VAL A 270 13.86 -11.38 10.30
CA VAL A 270 13.02 -10.97 9.19
C VAL A 270 12.41 -12.21 8.59
N ASP A 271 11.24 -12.02 8.03
CA ASP A 271 10.59 -13.07 7.31
C ASP A 271 9.86 -12.39 6.17
N VAL A 272 10.61 -12.11 5.11
CA VAL A 272 10.05 -11.42 3.98
C VAL A 272 9.03 -12.36 3.35
N TYR A 273 9.42 -13.62 3.24
CA TYR A 273 8.56 -14.62 2.65
C TYR A 273 7.22 -14.64 3.39
N GLY A 274 7.28 -14.70 4.72
CA GLY A 274 6.09 -14.76 5.55
C GLY A 274 5.23 -13.52 5.41
N ILE A 275 5.89 -12.38 5.28
CA ILE A 275 5.15 -11.15 5.08
C ILE A 275 4.45 -11.17 3.75
N VAL A 276 5.18 -11.48 2.68
CA VAL A 276 4.57 -11.39 1.36
C VAL A 276 3.49 -12.44 1.27
N TYR A 277 3.75 -13.61 1.82
CA TYR A 277 2.73 -14.65 1.88
C TYR A 277 1.44 -14.10 2.48
N ASP A 278 1.58 -13.50 3.65
CA ASP A 278 0.46 -12.87 4.32
C ASP A 278 -0.22 -11.83 3.43
N LEU A 279 0.57 -10.97 2.81
CA LEU A 279 0.00 -9.99 1.89
C LEU A 279 -0.81 -10.68 0.80
N ARG A 280 -0.23 -11.71 0.20
CA ARG A 280 -0.93 -12.44 -0.86
C ARG A 280 -2.22 -13.11 -0.40
N MET A 281 -2.29 -13.45 0.87
CA MET A 281 -3.51 -14.01 1.43
C MET A 281 -4.57 -12.93 1.60
N HIS A 282 -4.19 -11.67 1.35
CA HIS A 282 -5.15 -10.57 1.52
C HIS A 282 -5.49 -9.84 0.24
N ARG A 283 -4.61 -9.92 -0.74
CA ARG A 283 -4.85 -9.23 -1.98
C ARG A 283 -3.93 -9.88 -2.98
N PRO A 284 -4.38 -10.04 -4.21
CA PRO A 284 -3.53 -10.67 -5.22
C PRO A 284 -2.30 -9.86 -5.47
N LEU A 285 -1.25 -10.55 -5.89
CA LEU A 285 -0.11 -9.93 -6.54
C LEU A 285 0.73 -9.01 -5.65
N MET A 286 0.43 -8.97 -4.35
CA MET A 286 1.18 -8.08 -3.47
C MET A 286 2.65 -8.38 -3.62
N VAL A 287 3.43 -7.35 -3.93
CA VAL A 287 4.82 -7.50 -4.35
C VAL A 287 4.78 -8.27 -5.65
N GLN A 288 4.63 -7.51 -6.71
CA GLN A 288 4.07 -8.03 -7.94
C GLN A 288 5.13 -8.52 -8.90
N THR A 289 6.37 -8.10 -8.68
CA THR A 289 7.47 -8.54 -9.53
C THR A 289 8.57 -9.13 -8.66
N GLU A 290 9.37 -10.00 -9.25
CA GLU A 290 10.50 -10.56 -8.55
C GLU A 290 11.46 -9.44 -8.16
N ASP A 291 11.63 -8.45 -9.03
CA ASP A 291 12.51 -7.33 -8.73
C ASP A 291 12.07 -6.66 -7.43
N GLN A 292 10.77 -6.47 -7.28
CA GLN A 292 10.28 -5.89 -6.04
C GLN A 292 10.61 -6.76 -4.85
N TYR A 293 10.45 -8.07 -5.01
CA TYR A 293 10.73 -9.00 -3.93
C TYR A 293 12.21 -8.94 -3.54
N VAL A 294 13.07 -8.87 -4.54
CA VAL A 294 14.50 -8.74 -4.26
C VAL A 294 14.76 -7.39 -3.62
N PHE A 295 14.10 -6.36 -4.13
CA PHE A 295 14.20 -5.01 -3.57
C PHE A 295 13.88 -5.02 -2.08
N LEU A 296 12.90 -5.82 -1.68
CA LEU A 296 12.55 -5.92 -0.25
C LEU A 296 13.70 -6.47 0.51
N ASN A 297 14.29 -7.50 -0.06
CA ASN A 297 15.43 -8.10 0.60
C ASN A 297 16.57 -7.11 0.62
N GLN A 298 16.71 -6.33 -0.45
CA GLN A 298 17.72 -5.27 -0.46
C GLN A 298 17.46 -4.27 0.67
N CYS A 299 16.18 -3.93 0.85
CA CYS A 299 15.78 -3.03 1.92
C CYS A 299 16.25 -3.56 3.26
N VAL A 300 15.93 -4.83 3.53
CA VAL A 300 16.35 -5.46 4.76
C VAL A 300 17.85 -5.40 4.91
N LEU A 301 18.57 -5.71 3.85
CA LEU A 301 20.03 -5.72 3.91
C LEU A 301 20.55 -4.34 4.25
N ASP A 302 19.99 -3.34 3.58
CA ASP A 302 20.43 -1.97 3.78
C ASP A 302 20.12 -1.48 5.19
N ILE A 303 18.96 -1.87 5.71
CA ILE A 303 18.55 -1.47 7.05
C ILE A 303 19.49 -2.09 8.07
N ILE A 304 19.75 -3.38 7.91
CA ILE A 304 20.66 -4.10 8.78
C ILE A 304 22.06 -3.50 8.72
N ARG A 305 22.56 -3.31 7.51
CA ARG A 305 23.86 -2.67 7.32
C ARG A 305 23.90 -1.26 7.90
N ALA A 306 22.79 -0.54 7.79
CA ALA A 306 22.74 0.84 8.28
C ALA A 306 22.56 0.87 9.80
N GLN A 307 22.45 -0.32 10.39
CA GLN A 307 22.53 -0.47 11.83
C GLN A 307 24.01 -0.58 12.19
N LYS A 308 24.70 0.56 12.11
CA LYS A 308 26.15 0.66 12.32
C LYS A 308 26.78 -0.58 12.94
CL CL B . -5.98 -12.08 8.43
#